data_4YLS
#
_entry.id   4YLS
#
_cell.length_a   79.126
_cell.length_b   122.324
_cell.length_c   129.445
_cell.angle_alpha   90.00
_cell.angle_beta   90.00
_cell.angle_gamma   90.00
#
_symmetry.space_group_name_H-M   'C 2 2 21'
#
loop_
_entity.id
_entity.type
_entity.pdbx_description
1 polymer 'Tubulin polyglutamylase TTLL7'
2 non-polymer 'PHOSPHOAMINOPHOSPHONIC ACID-ADENYLATE ESTER'
3 water water
#
_entity_poly.entity_id   1
_entity_poly.type   'polypeptide(L)'
_entity_poly.pdbx_seq_one_letter_code
;GSFTKKKGTITANVAGTKFEIVRLVIDEMGFMKTPDEDETSNLIWCDSAVQQEKISELQNYQRINHFPGMGEICRKDFLA
RNMTKMIKSRPLDYTFVPRTWIFPAEYTQFQNYVKELKKKRKQKTFIVKPANGAMGHGISLIRNGDKLPSQDHLIVQEYI
EKPFLMEGYKFDLRIYILVTSCDPLKIFLYHDGLVRMGTEKYIPPNESNLTQLYMHLTNYSVNKHNEHFERDETENKGSK
RSIKWFTEFLQANQHDVAKFWSDISELVVKTLIVAEPHVLHAYRMCRPGQPPGSESVCFEVLGFDILLDRKLKPWLLQIN
RAPSFGTDQKIDYDVKRGVLLNALKLLNIRTSDKRRNLAKQKAEAQRRLYGQNSIKRLLPGSSDWEQQRHQLERRKEELK
ERLAQVRKQISREEHENRHMGNYRRIYPPEDKALLEKYENLLAVAFQTFLSGRAASFQRELNNPLKRMKEEDILDLLEQC
EIDDEKL
;
_entity_poly.pdbx_strand_id   A
#
# COMPACT_ATOMS: atom_id res chain seq x y z
N THR A 9 -15.10 -5.66 -29.03
CA THR A 9 -13.71 -5.96 -28.68
C THR A 9 -13.16 -4.99 -27.64
N ILE A 10 -12.59 -5.54 -26.58
CA ILE A 10 -11.99 -4.75 -25.52
C ILE A 10 -10.51 -4.53 -25.80
N THR A 11 -10.06 -3.27 -25.75
CA THR A 11 -8.70 -2.93 -26.09
C THR A 11 -7.89 -2.43 -24.89
N ALA A 12 -6.60 -2.18 -25.11
CA ALA A 12 -5.72 -1.74 -24.03
C ALA A 12 -4.52 -0.95 -24.54
N ASN A 13 -4.26 0.19 -23.90
CA ASN A 13 -3.06 0.97 -24.18
C ASN A 13 -1.98 0.62 -23.16
N VAL A 14 -0.85 0.14 -23.64
CA VAL A 14 0.17 -0.42 -22.76
C VAL A 14 1.50 0.33 -22.91
N ALA A 15 1.43 1.53 -23.47
CA ALA A 15 2.61 2.36 -23.69
C ALA A 15 3.30 2.78 -22.39
N GLY A 16 2.51 2.87 -21.32
CA GLY A 16 3.01 3.39 -20.06
C GLY A 16 3.74 2.38 -19.19
N THR A 17 3.92 1.17 -19.69
CA THR A 17 4.62 0.14 -18.92
C THR A 17 5.95 -0.24 -19.56
N LYS A 18 6.83 -0.82 -18.75
CA LYS A 18 8.11 -1.31 -19.21
C LYS A 18 8.32 -2.74 -18.75
N PHE A 19 7.30 -3.31 -18.13
CA PHE A 19 7.36 -4.66 -17.61
C PHE A 19 6.65 -5.63 -18.54
N GLU A 20 7.37 -6.67 -18.96
CA GLU A 20 6.85 -7.66 -19.88
C GLU A 20 5.63 -8.40 -19.32
N ILE A 21 5.64 -8.66 -18.02
CA ILE A 21 4.57 -9.39 -17.38
C ILE A 21 3.26 -8.62 -17.44
N VAL A 22 3.35 -7.30 -17.53
CA VAL A 22 2.17 -6.46 -17.69
C VAL A 22 1.61 -6.66 -19.10
N ARG A 23 2.49 -6.55 -20.09
N ARG A 23 2.49 -6.57 -20.09
CA ARG A 23 2.12 -6.76 -21.48
CA ARG A 23 2.08 -6.75 -21.49
C ARG A 23 1.63 -8.18 -21.69
C ARG A 23 1.68 -8.20 -21.76
N LEU A 24 2.30 -9.12 -21.02
CA LEU A 24 2.00 -10.55 -21.18
C LEU A 24 0.62 -10.92 -20.64
N VAL A 25 0.36 -10.52 -19.41
CA VAL A 25 -0.92 -10.81 -18.76
C VAL A 25 -2.09 -10.19 -19.51
N ILE A 26 -1.92 -8.92 -19.89
CA ILE A 26 -2.95 -8.19 -20.64
C ILE A 26 -3.22 -8.86 -21.99
N ASP A 27 -2.17 -9.37 -22.62
CA ASP A 27 -2.32 -10.12 -23.87
C ASP A 27 -3.04 -11.44 -23.61
N GLU A 28 -2.78 -12.03 -22.45
CA GLU A 28 -3.37 -13.31 -22.09
C GLU A 28 -4.86 -13.16 -21.75
N MET A 29 -5.23 -12.00 -21.23
CA MET A 29 -6.60 -11.73 -20.85
C MET A 29 -7.51 -11.59 -22.07
N GLY A 30 -6.92 -11.34 -23.23
CA GLY A 30 -7.68 -11.22 -24.46
C GLY A 30 -7.81 -9.78 -24.94
N PHE A 31 -7.08 -8.87 -24.29
CA PHE A 31 -7.06 -7.48 -24.71
C PHE A 31 -6.35 -7.33 -26.05
N MET A 32 -6.89 -6.48 -26.91
CA MET A 32 -6.23 -6.12 -28.15
C MET A 32 -5.40 -4.86 -27.94
N LYS A 33 -4.08 -4.96 -28.15
CA LYS A 33 -3.20 -3.83 -27.94
C LYS A 33 -3.38 -2.75 -29.00
N THR A 34 -3.60 -1.52 -28.54
CA THR A 34 -3.72 -0.37 -29.42
C THR A 34 -2.34 0.23 -29.67
N PRO A 35 -2.22 1.09 -30.70
CA PRO A 35 -0.99 1.88 -30.82
C PRO A 35 -0.83 2.82 -29.63
N ASP A 36 0.39 3.30 -29.41
CA ASP A 36 0.70 4.06 -28.21
C ASP A 36 0.08 5.45 -28.17
N GLU A 37 -0.60 5.85 -29.25
CA GLU A 37 -1.22 7.16 -29.32
C GLU A 37 -2.72 7.09 -29.12
N ASP A 38 -3.27 5.88 -29.10
CA ASP A 38 -4.70 5.69 -28.89
C ASP A 38 -5.07 6.02 -27.45
N GLU A 39 -5.98 6.97 -27.28
CA GLU A 39 -6.40 7.41 -25.95
C GLU A 39 -7.81 6.95 -25.64
N THR A 40 -8.33 6.05 -26.48
CA THR A 40 -9.71 5.59 -26.35
C THR A 40 -9.79 4.14 -25.88
N SER A 41 -8.63 3.58 -25.52
CA SER A 41 -8.57 2.18 -25.10
C SER A 41 -9.37 1.94 -23.82
N ASN A 42 -9.96 0.75 -23.73
CA ASN A 42 -10.72 0.37 -22.54
C ASN A 42 -9.85 0.36 -21.30
N LEU A 43 -8.66 -0.23 -21.42
CA LEU A 43 -7.73 -0.32 -20.31
C LEU A 43 -6.47 0.49 -20.58
N ILE A 44 -6.09 1.32 -19.61
CA ILE A 44 -4.87 2.10 -19.72
C ILE A 44 -3.92 1.77 -18.57
N TRP A 45 -2.75 1.26 -18.90
CA TRP A 45 -1.77 0.91 -17.88
C TRP A 45 -0.55 1.81 -17.92
N CYS A 46 -0.23 2.41 -16.78
CA CYS A 46 0.98 3.22 -16.63
C CYS A 46 1.66 2.86 -15.32
N ASP A 47 2.94 2.53 -15.39
CA ASP A 47 3.70 2.14 -14.20
C ASP A 47 3.72 3.26 -13.17
N SER A 48 4.36 4.37 -13.52
CA SER A 48 4.41 5.53 -12.64
C SER A 48 3.03 6.15 -12.43
N ALA A 49 2.90 6.97 -11.40
CA ALA A 49 1.66 7.68 -11.13
C ALA A 49 1.31 8.60 -12.30
N VAL A 50 0.03 8.97 -12.41
CA VAL A 50 -0.46 9.71 -13.56
C VAL A 50 -0.94 11.11 -13.18
N GLN A 51 -0.58 12.10 -14.00
CA GLN A 51 -1.09 13.46 -13.84
C GLN A 51 -2.62 13.47 -13.83
N GLN A 52 -3.21 14.12 -12.82
CA GLN A 52 -4.66 14.12 -12.63
C GLN A 52 -5.42 14.64 -13.85
N GLU A 53 -4.75 15.42 -14.68
CA GLU A 53 -5.36 15.94 -15.91
C GLU A 53 -5.68 14.80 -16.87
N LYS A 54 -4.79 13.81 -16.92
CA LYS A 54 -4.97 12.66 -17.79
C LYS A 54 -6.17 11.82 -17.36
N ILE A 55 -6.36 11.71 -16.05
CA ILE A 55 -7.49 10.97 -15.48
C ILE A 55 -8.80 11.70 -15.77
N SER A 56 -8.72 13.03 -15.82
CA SER A 56 -9.90 13.84 -16.13
C SER A 56 -10.33 13.68 -17.58
N GLU A 57 -9.37 13.37 -18.45
CA GLU A 57 -9.63 13.24 -19.89
C GLU A 57 -10.33 11.93 -20.23
N LEU A 58 -10.37 11.00 -19.30
CA LEU A 58 -10.92 9.68 -19.56
C LEU A 58 -12.42 9.69 -19.80
N GLN A 59 -12.91 8.69 -20.52
CA GLN A 59 -14.33 8.49 -20.70
C GLN A 59 -14.83 7.43 -19.72
N ASN A 60 -16.12 7.44 -19.44
CA ASN A 60 -16.69 6.61 -18.38
C ASN A 60 -16.55 5.10 -18.58
N TYR A 61 -16.13 4.67 -19.76
CA TYR A 61 -15.97 3.25 -20.03
C TYR A 61 -14.53 2.80 -19.79
N GLN A 62 -13.62 3.78 -19.72
CA GLN A 62 -12.19 3.48 -19.60
C GLN A 62 -11.78 3.17 -18.17
N ARG A 63 -10.64 2.49 -18.03
CA ARG A 63 -10.10 2.12 -16.73
C ARG A 63 -8.59 2.34 -16.70
N ILE A 64 -8.13 3.18 -15.78
CA ILE A 64 -6.69 3.43 -15.64
C ILE A 64 -6.20 2.93 -14.27
N ASN A 65 -4.95 2.48 -14.22
CA ASN A 65 -4.41 1.81 -13.04
C ASN A 65 -3.86 2.76 -11.97
N HIS A 66 -4.47 3.93 -11.83
CA HIS A 66 -4.04 4.89 -10.80
C HIS A 66 -5.17 5.79 -10.31
N PHE A 67 -5.23 5.96 -9.00
CA PHE A 67 -6.14 6.91 -8.36
C PHE A 67 -5.48 8.26 -8.19
N PRO A 68 -6.23 9.35 -8.40
CA PRO A 68 -5.67 10.68 -8.14
C PRO A 68 -5.65 11.02 -6.65
N GLY A 69 -4.48 11.37 -6.13
CA GLY A 69 -4.35 11.76 -4.74
C GLY A 69 -3.96 10.63 -3.80
N MET A 70 -3.57 9.49 -4.38
CA MET A 70 -3.15 8.34 -3.60
C MET A 70 -1.77 8.60 -2.98
N GLY A 71 -1.11 9.67 -3.42
CA GLY A 71 0.20 10.03 -2.93
C GLY A 71 0.22 10.59 -1.52
N GLU A 72 -0.96 10.67 -0.90
CA GLU A 72 -1.05 11.16 0.47
C GLU A 72 -0.65 10.08 1.47
N ILE A 73 -0.55 8.84 0.99
CA ILE A 73 -0.05 7.74 1.81
C ILE A 73 1.11 7.03 1.12
N CYS A 74 1.30 7.33 -0.16
CA CYS A 74 2.38 6.73 -0.93
C CYS A 74 3.67 7.55 -0.77
N ARG A 75 3.51 8.82 -0.41
CA ARG A 75 4.66 9.65 -0.05
C ARG A 75 4.98 9.48 1.42
N LYS A 76 6.24 9.19 1.73
CA LYS A 76 6.65 8.90 3.11
C LYS A 76 6.33 10.05 4.06
N ASP A 77 6.50 11.28 3.58
CA ASP A 77 6.24 12.46 4.41
C ASP A 77 4.74 12.71 4.54
N PHE A 78 4.01 12.52 3.45
CA PHE A 78 2.56 12.70 3.46
C PHE A 78 1.87 11.60 4.26
N LEU A 79 2.48 10.41 4.26
CA LEU A 79 1.97 9.29 5.05
C LEU A 79 2.10 9.60 6.54
N ALA A 80 3.27 10.09 6.93
CA ALA A 80 3.53 10.43 8.32
C ALA A 80 2.64 11.55 8.82
N ARG A 81 2.55 12.62 8.02
CA ARG A 81 1.78 13.80 8.40
C ARG A 81 0.30 13.46 8.58
N ASN A 82 -0.22 12.59 7.73
CA ASN A 82 -1.62 12.18 7.82
C ASN A 82 -1.86 11.15 8.91
N MET A 83 -0.93 10.23 9.08
CA MET A 83 -1.02 9.23 10.15
C MET A 83 -0.88 9.88 11.52
N THR A 84 -0.07 10.93 11.58
CA THR A 84 0.12 11.67 12.82
C THR A 84 -1.18 12.36 13.26
N LYS A 85 -1.86 12.99 12.30
CA LYS A 85 -3.15 13.62 12.56
C LYS A 85 -4.18 12.57 13.01
N MET A 86 -4.03 11.35 12.52
CA MET A 86 -4.99 10.29 12.79
C MET A 86 -4.73 9.63 14.14
N ILE A 87 -3.46 9.41 14.45
CA ILE A 87 -3.06 8.79 15.71
C ILE A 87 -3.47 9.65 16.90
N LYS A 88 -3.40 10.97 16.72
CA LYS A 88 -3.82 11.90 17.77
C LYS A 88 -5.34 11.95 17.90
N SER A 89 -6.04 11.19 17.08
CA SER A 89 -7.49 11.11 17.13
C SER A 89 -7.95 9.71 17.52
N ARG A 90 -7.34 8.70 16.91
CA ARG A 90 -7.66 7.30 17.20
C ARG A 90 -6.39 6.49 17.38
N PRO A 91 -5.76 6.58 18.57
CA PRO A 91 -4.48 5.91 18.84
C PRO A 91 -4.61 4.40 18.98
N LEU A 92 -5.71 3.93 19.57
CA LEU A 92 -5.89 2.50 19.83
C LEU A 92 -6.15 1.70 18.56
N ASP A 93 -6.42 2.40 17.45
CA ASP A 93 -6.69 1.74 16.19
C ASP A 93 -5.49 1.79 15.26
N TYR A 94 -4.61 2.77 15.49
CA TYR A 94 -3.45 2.96 14.63
C TYR A 94 -2.14 2.82 15.39
N THR A 95 -1.84 1.59 15.81
CA THR A 95 -0.60 1.31 16.53
C THR A 95 0.40 0.59 15.64
N PHE A 96 0.07 0.45 14.36
CA PHE A 96 0.89 -0.30 13.42
C PHE A 96 1.88 0.60 12.69
N VAL A 97 1.99 1.86 13.11
CA VAL A 97 2.90 2.80 12.48
C VAL A 97 3.99 3.23 13.44
N PRO A 98 5.25 3.02 13.04
CA PRO A 98 6.40 3.45 13.85
C PRO A 98 6.41 4.96 14.03
N ARG A 99 6.86 5.43 15.19
CA ARG A 99 6.93 6.87 15.47
C ARG A 99 7.80 7.56 14.43
N THR A 100 7.24 8.55 13.74
CA THR A 100 7.94 9.20 12.64
C THR A 100 7.94 10.72 12.79
N TRP A 101 9.12 11.33 12.58
CA TRP A 101 9.25 12.78 12.62
C TRP A 101 9.77 13.31 11.29
N ILE A 102 9.04 14.25 10.71
CA ILE A 102 9.38 14.81 9.40
C ILE A 102 10.37 15.97 9.52
N PHE A 103 11.55 15.78 8.95
CA PHE A 103 12.58 16.82 8.95
C PHE A 103 12.54 17.63 7.66
N PRO A 104 12.89 18.92 7.74
CA PRO A 104 13.29 19.63 8.96
C PRO A 104 12.13 20.35 9.62
N ALA A 105 10.92 19.84 9.44
CA ALA A 105 9.73 20.45 10.01
C ALA A 105 9.71 20.32 11.53
N GLU A 106 9.50 19.10 12.01
CA GLU A 106 9.47 18.84 13.45
C GLU A 106 10.85 18.47 13.97
N TYR A 107 11.82 19.33 13.68
CA TYR A 107 13.19 19.15 14.16
C TYR A 107 13.26 19.38 15.67
N THR A 108 12.46 20.34 16.15
CA THR A 108 12.43 20.66 17.57
C THR A 108 11.64 19.61 18.36
N GLN A 109 10.55 19.13 17.77
CA GLN A 109 9.71 18.13 18.41
C GLN A 109 10.48 16.84 18.66
N PHE A 110 11.30 16.45 17.69
CA PHE A 110 12.09 15.23 17.80
C PHE A 110 13.16 15.34 18.88
N GLN A 111 13.78 16.52 18.97
CA GLN A 111 14.84 16.74 19.94
C GLN A 111 14.34 16.61 21.38
N ASN A 112 13.12 17.05 21.62
CA ASN A 112 12.52 16.98 22.95
C ASN A 112 12.28 15.54 23.40
N TYR A 113 11.81 14.70 22.47
CA TYR A 113 11.52 13.30 22.77
C TYR A 113 12.79 12.56 23.17
N VAL A 114 13.89 12.87 22.51
CA VAL A 114 15.18 12.27 22.84
C VAL A 114 15.63 12.72 24.22
N LYS A 115 15.36 13.97 24.56
CA LYS A 115 15.68 14.51 25.86
C LYS A 115 14.85 13.85 26.96
N GLU A 116 13.56 13.68 26.69
CA GLU A 116 12.66 13.02 27.63
C GLU A 116 13.07 11.56 27.82
N LEU A 117 13.60 10.97 26.76
CA LEU A 117 14.12 9.61 26.83
C LEU A 117 15.43 9.58 27.61
N LYS A 118 16.25 10.61 27.41
CA LYS A 118 17.51 10.73 28.13
C LYS A 118 17.27 10.92 29.62
N LYS A 119 16.23 11.68 29.95
CA LYS A 119 15.83 11.89 31.33
C LYS A 119 15.45 10.58 32.00
N LYS A 120 14.63 9.79 31.32
CA LYS A 120 14.14 8.53 31.86
C LYS A 120 15.19 7.42 31.74
N ARG A 121 16.38 7.78 31.29
CA ARG A 121 17.49 6.84 31.13
C ARG A 121 17.10 5.67 30.23
N LYS A 122 16.46 5.96 29.11
CA LYS A 122 16.02 4.92 28.19
C LYS A 122 16.72 5.06 26.84
N GLN A 123 17.08 3.92 26.26
CA GLN A 123 17.73 3.91 24.95
C GLN A 123 16.79 3.43 23.85
N LYS A 124 16.99 3.97 22.64
CA LYS A 124 16.19 3.58 21.50
C LYS A 124 16.93 3.92 20.20
N THR A 125 16.79 3.06 19.21
CA THR A 125 17.46 3.25 17.92
C THR A 125 16.52 3.93 16.93
N PHE A 126 17.06 4.85 16.12
CA PHE A 126 16.26 5.58 15.14
C PHE A 126 16.85 5.44 13.74
N ILE A 127 15.98 5.36 12.74
CA ILE A 127 16.41 5.23 11.36
C ILE A 127 16.07 6.48 10.57
N VAL A 128 16.98 6.87 9.67
CA VAL A 128 16.77 8.03 8.81
C VAL A 128 16.62 7.61 7.35
N LYS A 129 15.61 8.15 6.67
CA LYS A 129 15.35 7.78 5.29
C LYS A 129 15.39 9.01 4.37
N PRO A 130 15.00 8.82 3.10
CA PRO A 130 15.01 9.91 2.11
C PRO A 130 13.94 10.96 2.41
N ILE A 139 20.19 5.91 3.67
CA ILE A 139 19.51 5.36 4.84
C ILE A 139 20.53 4.96 5.90
N SER A 140 20.38 5.50 7.11
CA SER A 140 21.33 5.25 8.18
C SER A 140 20.64 5.01 9.52
N LEU A 141 21.45 4.84 10.57
CA LEU A 141 20.95 4.63 11.92
C LEU A 141 21.49 5.68 12.88
N ILE A 142 20.73 5.99 13.93
CA ILE A 142 21.15 6.99 14.90
C ILE A 142 20.67 6.63 16.31
N ARG A 143 21.23 7.31 17.31
CA ARG A 143 20.88 7.06 18.71
C ARG A 143 20.84 8.36 19.51
N ASN A 144 22.01 8.87 19.88
CA ASN A 144 22.11 10.09 20.66
C ASN A 144 21.97 11.32 19.78
N SER A 150 21.26 19.33 11.64
CA SER A 150 20.83 19.27 10.26
C SER A 150 19.76 20.32 9.96
N GLN A 151 19.38 20.44 8.70
CA GLN A 151 18.36 21.39 8.27
C GLN A 151 17.85 21.06 6.86
N ASP A 152 17.82 19.76 6.55
CA ASP A 152 17.37 19.31 5.25
C ASP A 152 16.19 18.34 5.35
N HIS A 153 15.55 18.08 4.22
CA HIS A 153 14.36 17.23 4.19
C HIS A 153 14.67 15.78 4.47
N LEU A 154 14.99 15.47 5.73
CA LEU A 154 15.20 14.09 6.14
C LEU A 154 13.89 13.52 6.66
N ILE A 155 13.98 12.41 7.40
CA ILE A 155 12.81 11.80 8.05
C ILE A 155 13.24 10.75 9.06
N VAL A 156 13.08 11.08 10.33
CA VAL A 156 13.49 10.20 11.42
C VAL A 156 12.34 9.30 11.84
N GLN A 157 12.65 8.03 12.12
CA GLN A 157 11.63 7.07 12.50
C GLN A 157 12.16 6.08 13.53
N GLU A 158 11.29 5.67 14.46
CA GLU A 158 11.63 4.66 15.44
C GLU A 158 11.95 3.33 14.77
N TYR A 159 13.04 2.71 15.21
CA TYR A 159 13.51 1.47 14.59
C TYR A 159 12.99 0.24 15.34
N ILE A 160 12.24 -0.60 14.63
CA ILE A 160 11.76 -1.85 15.21
C ILE A 160 12.97 -2.75 15.45
N GLU A 161 13.35 -2.91 16.70
CA GLU A 161 14.62 -3.54 17.05
C GLU A 161 14.58 -5.07 17.07
N LYS A 162 13.43 -5.63 17.41
CA LYS A 162 13.30 -7.09 17.49
C LYS A 162 12.28 -7.63 16.49
N PRO A 163 12.68 -7.72 15.21
CA PRO A 163 11.78 -8.22 14.16
C PRO A 163 11.68 -9.75 14.16
N PHE A 164 10.62 -10.27 13.55
CA PHE A 164 10.49 -11.71 13.38
C PHE A 164 11.62 -12.21 12.48
N LEU A 165 12.40 -13.15 12.99
CA LEU A 165 13.56 -13.65 12.25
C LEU A 165 13.28 -14.96 11.55
N MET A 166 13.71 -15.05 10.30
CA MET A 166 13.57 -16.29 9.52
C MET A 166 14.90 -17.04 9.49
N GLU A 167 14.99 -18.07 10.33
CA GLU A 167 16.23 -18.84 10.50
C GLU A 167 17.39 -17.93 10.89
N GLY A 168 17.09 -16.93 11.71
CA GLY A 168 18.10 -15.99 12.17
C GLY A 168 18.24 -14.77 11.27
N TYR A 169 17.39 -14.69 10.25
CA TYR A 169 17.45 -13.61 9.28
C TYR A 169 16.26 -12.66 9.36
N LYS A 170 16.54 -11.37 9.24
CA LYS A 170 15.50 -10.36 9.14
C LYS A 170 14.97 -10.30 7.72
N PHE A 171 13.65 -10.30 7.56
CA PHE A 171 13.05 -10.30 6.23
C PHE A 171 12.01 -9.19 6.08
N ASP A 172 11.67 -8.89 4.83
CA ASP A 172 10.68 -7.87 4.52
C ASP A 172 9.47 -8.47 3.82
N LEU A 173 8.30 -7.90 4.06
CA LEU A 173 7.08 -8.36 3.42
C LEU A 173 6.56 -7.36 2.39
N ARG A 174 6.49 -7.80 1.15
CA ARG A 174 5.86 -7.02 0.09
C ARG A 174 4.53 -7.65 -0.26
N ILE A 175 3.44 -7.06 0.23
CA ILE A 175 2.11 -7.56 -0.09
C ILE A 175 1.45 -6.65 -1.11
N TYR A 176 0.53 -7.21 -1.89
CA TYR A 176 -0.11 -6.46 -2.97
C TYR A 176 -1.59 -6.25 -2.68
N ILE A 177 -2.04 -5.00 -2.80
CA ILE A 177 -3.41 -4.64 -2.50
C ILE A 177 -4.10 -4.03 -3.73
N LEU A 178 -5.30 -4.52 -4.03
CA LEU A 178 -6.08 -3.99 -5.14
C LEU A 178 -7.22 -3.09 -4.64
N VAL A 179 -7.21 -1.85 -5.08
CA VAL A 179 -8.30 -0.93 -4.81
C VAL A 179 -9.06 -0.64 -6.10
N THR A 180 -10.29 -1.14 -6.19
CA THR A 180 -11.06 -1.02 -7.42
C THR A 180 -11.91 0.25 -7.45
N SER A 181 -12.23 0.78 -6.27
CA SER A 181 -13.07 1.97 -6.18
C SER A 181 -12.90 2.71 -4.86
N CYS A 182 -13.14 4.01 -4.88
CA CYS A 182 -13.11 4.82 -3.68
C CYS A 182 -14.49 5.34 -3.35
N ASP A 183 -15.44 5.11 -4.27
CA ASP A 183 -16.81 5.55 -4.09
C ASP A 183 -17.78 4.63 -4.83
N PRO A 184 -18.28 3.58 -4.15
CA PRO A 184 -17.93 3.23 -2.77
C PRO A 184 -16.58 2.53 -2.67
N LEU A 185 -15.96 2.62 -1.50
CA LEU A 185 -14.62 2.06 -1.30
C LEU A 185 -14.62 0.53 -1.34
N LYS A 186 -13.81 -0.02 -2.24
CA LYS A 186 -13.64 -1.47 -2.32
C LYS A 186 -12.16 -1.84 -2.34
N ILE A 187 -11.74 -2.65 -1.37
CA ILE A 187 -10.33 -3.00 -1.21
C ILE A 187 -10.12 -4.51 -1.19
N PHE A 188 -9.16 -4.98 -2.00
CA PHE A 188 -8.84 -6.40 -2.05
C PHE A 188 -7.39 -6.66 -1.61
N LEU A 189 -7.18 -7.78 -0.93
CA LEU A 189 -5.84 -8.18 -0.52
C LEU A 189 -5.45 -9.50 -1.18
N TYR A 190 -4.30 -9.52 -1.84
CA TYR A 190 -3.81 -10.73 -2.47
C TYR A 190 -3.13 -11.62 -1.45
N HIS A 191 -3.55 -12.88 -1.39
CA HIS A 191 -3.04 -13.81 -0.39
C HIS A 191 -1.73 -14.45 -0.81
N ASP A 192 -0.82 -13.62 -1.33
CA ASP A 192 0.53 -14.03 -1.66
C ASP A 192 1.38 -12.78 -1.83
N GLY A 193 2.69 -12.96 -1.97
CA GLY A 193 3.59 -11.82 -2.13
C GLY A 193 5.04 -12.20 -2.04
N LEU A 194 5.89 -11.20 -1.85
CA LEU A 194 7.33 -11.41 -1.83
C LEU A 194 7.94 -11.30 -0.44
N VAL A 195 8.88 -12.20 -0.15
CA VAL A 195 9.65 -12.15 1.09
C VAL A 195 11.12 -11.91 0.79
N ARG A 196 11.66 -10.81 1.30
CA ARG A 196 13.05 -10.46 1.06
C ARG A 196 13.91 -10.66 2.31
N MET A 197 14.48 -11.84 2.44
CA MET A 197 15.33 -12.17 3.58
C MET A 197 16.65 -11.41 3.51
N GLY A 198 17.33 -11.30 4.65
CA GLY A 198 18.60 -10.60 4.73
C GLY A 198 19.75 -11.43 4.18
N THR A 199 20.90 -10.80 4.04
CA THR A 199 22.10 -11.48 3.54
C THR A 199 22.87 -12.13 4.69
N GLU A 200 23.10 -11.36 5.75
CA GLU A 200 23.74 -11.88 6.95
C GLU A 200 22.74 -11.93 8.10
N LYS A 201 22.94 -12.86 9.03
CA LYS A 201 22.01 -13.06 10.13
C LYS A 201 21.87 -11.80 10.98
N TYR A 202 20.65 -11.52 11.44
CA TYR A 202 20.33 -10.27 12.10
C TYR A 202 21.00 -10.13 13.46
N ILE A 203 21.43 -8.91 13.78
CA ILE A 203 22.00 -8.58 15.07
C ILE A 203 21.65 -7.14 15.46
N PRO A 204 20.96 -6.98 16.59
CA PRO A 204 20.53 -5.65 17.05
C PRO A 204 21.69 -4.80 17.53
N GLY A 238 19.53 -10.31 -0.40
CA GLY A 238 19.28 -11.56 0.29
C GLY A 238 18.40 -12.51 -0.50
N SER A 239 18.05 -13.63 0.12
CA SER A 239 17.22 -14.63 -0.52
C SER A 239 15.79 -14.14 -0.71
N LYS A 240 15.13 -14.62 -1.76
CA LYS A 240 13.77 -14.19 -2.08
C LYS A 240 12.81 -15.37 -1.99
N ARG A 241 11.77 -15.22 -1.17
CA ARG A 241 10.78 -16.28 -0.99
C ARG A 241 9.37 -15.77 -1.32
N SER A 242 8.40 -16.66 -1.25
CA SER A 242 7.00 -16.26 -1.41
C SER A 242 6.31 -16.26 -0.06
N ILE A 243 5.24 -15.49 0.04
CA ILE A 243 4.48 -15.41 1.29
C ILE A 243 3.75 -16.72 1.56
N LYS A 244 3.27 -17.35 0.49
CA LYS A 244 2.64 -18.67 0.59
C LYS A 244 3.59 -19.66 1.24
N TRP A 245 4.88 -19.54 0.92
CA TRP A 245 5.91 -20.34 1.56
C TRP A 245 6.08 -19.93 3.02
N PHE A 246 5.99 -18.63 3.28
CA PHE A 246 6.19 -18.10 4.62
C PHE A 246 5.06 -18.51 5.56
N THR A 247 3.84 -18.55 5.03
CA THR A 247 2.69 -18.97 5.83
C THR A 247 2.76 -20.46 6.12
N GLU A 248 3.29 -21.23 5.17
CA GLU A 248 3.52 -22.65 5.39
C GLU A 248 4.57 -22.85 6.47
N PHE A 249 5.55 -21.95 6.51
CA PHE A 249 6.55 -21.95 7.56
C PHE A 249 5.92 -21.65 8.91
N LEU A 250 5.09 -20.61 8.95
CA LEU A 250 4.39 -20.21 10.17
C LEU A 250 3.55 -21.34 10.74
N GLN A 251 2.94 -22.11 9.85
CA GLN A 251 2.10 -23.24 10.25
C GLN A 251 2.92 -24.33 10.93
N ALA A 252 4.04 -24.69 10.30
CA ALA A 252 4.90 -25.75 10.83
C ALA A 252 5.51 -25.37 12.17
N ASN A 253 5.69 -24.07 12.39
CA ASN A 253 6.24 -23.60 13.66
C ASN A 253 5.14 -23.12 14.60
N GLN A 254 3.92 -23.56 14.31
CA GLN A 254 2.76 -23.33 15.18
C GLN A 254 2.53 -21.85 15.50
N HIS A 255 2.33 -21.04 14.46
CA HIS A 255 1.93 -19.65 14.64
C HIS A 255 0.57 -19.44 13.98
N ASP A 256 -0.20 -18.49 14.49
CA ASP A 256 -1.53 -18.23 13.97
C ASP A 256 -1.44 -17.56 12.60
N VAL A 257 -1.65 -18.35 11.55
CA VAL A 257 -1.63 -17.83 10.19
C VAL A 257 -2.88 -16.99 9.93
N ALA A 258 -3.99 -17.39 10.55
CA ALA A 258 -5.26 -16.68 10.39
C ALA A 258 -5.16 -15.26 10.96
N LYS A 259 -4.55 -15.14 12.13
CA LYS A 259 -4.36 -13.83 12.76
C LYS A 259 -3.36 -12.99 11.98
N PHE A 260 -2.41 -13.67 11.34
CA PHE A 260 -1.44 -12.99 10.49
C PHE A 260 -2.15 -12.22 9.39
N TRP A 261 -3.02 -12.91 8.66
CA TRP A 261 -3.80 -12.29 7.59
C TRP A 261 -4.80 -11.28 8.14
N SER A 262 -5.37 -11.59 9.30
CA SER A 262 -6.35 -10.71 9.92
C SER A 262 -5.71 -9.38 10.31
N ASP A 263 -4.53 -9.44 10.90
CA ASP A 263 -3.80 -8.24 11.29
C ASP A 263 -3.36 -7.46 10.06
N ILE A 264 -2.91 -8.17 9.03
CA ILE A 264 -2.50 -7.55 7.78
C ILE A 264 -3.66 -6.80 7.13
N SER A 265 -4.82 -7.44 7.09
CA SER A 265 -6.01 -6.87 6.46
C SER A 265 -6.46 -5.58 7.14
N GLU A 266 -6.51 -5.59 8.47
CA GLU A 266 -6.91 -4.40 9.22
C GLU A 266 -5.88 -3.29 9.05
N LEU A 267 -4.62 -3.67 8.88
CA LEU A 267 -3.54 -2.72 8.65
C LEU A 267 -3.77 -1.96 7.36
N VAL A 268 -4.16 -2.69 6.31
CA VAL A 268 -4.36 -2.11 5.00
C VAL A 268 -5.60 -1.22 4.95
N VAL A 269 -6.72 -1.75 5.43
CA VAL A 269 -7.98 -1.03 5.40
C VAL A 269 -7.88 0.29 6.14
N LYS A 270 -7.34 0.25 7.36
CA LYS A 270 -7.18 1.44 8.17
C LYS A 270 -6.20 2.43 7.55
N THR A 271 -5.25 1.92 6.77
CA THR A 271 -4.29 2.77 6.08
C THR A 271 -4.95 3.50 4.90
N LEU A 272 -5.81 2.79 4.18
CA LEU A 272 -6.51 3.39 3.06
C LEU A 272 -7.66 4.28 3.51
N ILE A 273 -8.16 4.00 4.71
CA ILE A 273 -9.15 4.88 5.34
C ILE A 273 -8.56 6.27 5.50
N VAL A 274 -7.29 6.33 5.90
CA VAL A 274 -6.55 7.57 6.01
C VAL A 274 -6.48 8.29 4.66
N ALA A 275 -6.29 7.52 3.60
CA ALA A 275 -6.14 8.09 2.26
C ALA A 275 -7.47 8.43 1.60
N GLU A 276 -8.53 7.72 2.00
CA GLU A 276 -9.85 7.83 1.37
C GLU A 276 -10.38 9.25 1.19
N PRO A 277 -10.34 10.11 2.23
CA PRO A 277 -10.89 11.44 1.99
C PRO A 277 -10.06 12.28 1.01
N HIS A 278 -8.77 11.99 0.93
CA HIS A 278 -7.90 12.68 -0.02
C HIS A 278 -8.17 12.19 -1.43
N VAL A 279 -8.38 10.89 -1.57
CA VAL A 279 -8.62 10.29 -2.88
C VAL A 279 -10.02 10.61 -3.40
N LEU A 280 -11.02 10.45 -2.54
CA LEU A 280 -12.41 10.69 -2.93
C LEU A 280 -12.62 12.13 -3.41
N HIS A 281 -12.09 13.09 -2.67
CA HIS A 281 -12.12 14.48 -3.07
C HIS A 281 -11.49 14.65 -4.45
N ALA A 282 -10.21 14.31 -4.54
CA ALA A 282 -9.43 14.45 -5.77
C ALA A 282 -10.10 13.78 -6.97
N TYR A 283 -10.66 12.60 -6.76
CA TYR A 283 -11.34 11.86 -7.82
C TYR A 283 -12.56 12.61 -8.33
N ARG A 284 -13.35 13.11 -7.40
CA ARG A 284 -14.54 13.86 -7.79
C ARG A 284 -14.13 15.18 -8.45
N MET A 285 -12.90 15.63 -8.21
CA MET A 285 -12.44 16.89 -8.81
C MET A 285 -12.09 16.68 -10.25
N CYS A 286 -11.51 15.51 -10.48
CA CYS A 286 -11.07 15.05 -11.78
C CYS A 286 -12.25 14.56 -12.60
N ARG A 287 -13.27 14.05 -11.93
CA ARG A 287 -14.40 13.48 -12.64
C ARG A 287 -15.74 14.09 -12.24
N PRO A 288 -16.02 15.32 -12.69
CA PRO A 288 -17.31 15.94 -12.40
C PRO A 288 -18.38 15.56 -13.42
N GLY A 289 -18.09 14.56 -14.24
CA GLY A 289 -19.03 14.09 -15.24
C GLY A 289 -19.47 12.67 -14.95
N GLN A 290 -19.17 12.21 -13.76
CA GLN A 290 -19.54 10.86 -13.33
C GLN A 290 -20.90 10.88 -12.62
N PRO A 291 -21.91 10.23 -13.23
CA PRO A 291 -23.23 10.06 -12.62
C PRO A 291 -23.12 9.42 -11.23
N PRO A 292 -24.11 9.69 -10.36
CA PRO A 292 -24.13 9.27 -8.94
C PRO A 292 -23.53 7.89 -8.66
N GLY A 293 -24.10 6.84 -9.24
CA GLY A 293 -23.67 5.49 -8.94
C GLY A 293 -22.96 4.77 -10.07
N SER A 294 -22.19 5.51 -10.85
CA SER A 294 -21.46 4.92 -11.97
C SER A 294 -20.12 4.33 -11.51
N GLU A 295 -19.70 3.25 -12.16
CA GLU A 295 -18.50 2.52 -11.78
C GLU A 295 -17.24 3.40 -11.80
N SER A 296 -16.27 3.03 -10.98
CA SER A 296 -15.02 3.79 -10.88
C SER A 296 -14.21 3.71 -12.17
N VAL A 297 -13.56 4.82 -12.52
CA VAL A 297 -12.69 4.87 -13.68
C VAL A 297 -11.28 4.45 -13.29
N CYS A 298 -10.98 4.58 -11.99
CA CYS A 298 -9.65 4.25 -11.48
C CYS A 298 -9.61 2.97 -10.66
N PHE A 299 -8.48 2.29 -10.74
CA PHE A 299 -8.18 1.14 -9.89
C PHE A 299 -6.68 1.18 -9.58
N GLU A 300 -6.24 0.51 -8.53
CA GLU A 300 -4.81 0.55 -8.18
C GLU A 300 -4.28 -0.75 -7.60
N VAL A 301 -3.10 -1.15 -8.07
CA VAL A 301 -2.33 -2.21 -7.44
C VAL A 301 -1.22 -1.57 -6.62
N LEU A 302 -1.37 -1.61 -5.30
CA LEU A 302 -0.41 -0.96 -4.40
C LEU A 302 0.50 -1.97 -3.72
N GLY A 303 1.78 -1.63 -3.63
CA GLY A 303 2.74 -2.46 -2.95
C GLY A 303 2.99 -2.00 -1.53
N PHE A 304 2.49 -2.75 -0.55
CA PHE A 304 2.72 -2.44 0.86
C PHE A 304 3.98 -3.11 1.37
N ASP A 305 4.90 -2.31 1.89
CA ASP A 305 6.08 -2.85 2.55
C ASP A 305 5.83 -2.97 4.04
N ILE A 306 5.99 -4.18 4.56
CA ILE A 306 5.61 -4.48 5.94
C ILE A 306 6.68 -5.29 6.69
N LEU A 307 6.96 -4.89 7.93
CA LEU A 307 7.88 -5.63 8.77
C LEU A 307 7.15 -6.23 9.98
N LEU A 308 7.43 -7.50 10.25
CA LEU A 308 6.86 -8.18 11.41
C LEU A 308 7.86 -8.17 12.57
N ASP A 309 7.35 -7.97 13.79
CA ASP A 309 8.21 -8.05 14.96
C ASP A 309 8.19 -9.46 15.54
N ARG A 310 8.88 -9.66 16.66
CA ARG A 310 8.97 -10.97 17.29
C ARG A 310 7.60 -11.52 17.67
N LYS A 311 6.67 -10.62 17.99
CA LYS A 311 5.32 -11.00 18.37
C LYS A 311 4.40 -11.08 17.16
N LEU A 312 5.01 -11.06 15.97
CA LEU A 312 4.31 -11.16 14.70
C LEU A 312 3.29 -10.03 14.46
N LYS A 313 3.51 -8.89 15.11
CA LYS A 313 2.69 -7.73 14.85
C LYS A 313 3.18 -7.03 13.58
N PRO A 314 2.27 -6.81 12.62
CA PRO A 314 2.64 -6.19 11.35
C PRO A 314 2.84 -4.68 11.46
N TRP A 315 3.99 -4.20 10.99
CA TRP A 315 4.28 -2.77 10.99
C TRP A 315 4.34 -2.25 9.56
N LEU A 316 3.73 -1.09 9.34
CA LEU A 316 3.73 -0.46 8.03
C LEU A 316 4.97 0.40 7.85
N LEU A 317 5.75 0.11 6.81
CA LEU A 317 6.95 0.88 6.52
C LEU A 317 6.67 1.96 5.48
N GLN A 318 6.17 1.55 4.32
CA GLN A 318 5.76 2.48 3.27
C GLN A 318 4.86 1.81 2.25
N ILE A 319 4.17 2.64 1.46
CA ILE A 319 3.31 2.16 0.39
C ILE A 319 3.83 2.63 -0.96
N ASN A 320 3.91 1.70 -1.92
CA ASN A 320 4.41 2.03 -3.25
C ASN A 320 3.33 1.92 -4.31
N ARG A 321 3.05 3.02 -4.99
CA ARG A 321 2.02 3.06 -6.02
C ARG A 321 2.57 2.60 -7.37
N ALA A 322 3.89 2.49 -7.46
CA ALA A 322 4.54 1.99 -8.66
C ALA A 322 5.52 0.87 -8.35
N PRO A 323 5.01 -0.28 -7.88
CA PRO A 323 5.89 -1.39 -7.51
C PRO A 323 6.49 -2.07 -8.73
N SER A 324 7.72 -2.57 -8.60
CA SER A 324 8.36 -3.26 -9.71
C SER A 324 7.62 -4.54 -10.06
N PHE A 325 7.38 -4.75 -11.34
CA PHE A 325 6.77 -5.98 -11.81
C PHE A 325 7.76 -6.76 -12.66
N GLY A 326 9.05 -6.61 -12.35
CA GLY A 326 10.08 -7.35 -13.03
C GLY A 326 9.98 -8.84 -12.73
N THR A 327 10.47 -9.66 -13.65
CA THR A 327 10.46 -11.10 -13.46
C THR A 327 11.81 -11.71 -13.83
N ASP A 328 12.62 -12.01 -12.83
CA ASP A 328 13.90 -12.67 -13.05
C ASP A 328 13.87 -14.07 -12.47
N GLN A 329 13.10 -14.24 -11.40
CA GLN A 329 12.99 -15.52 -10.73
C GLN A 329 11.60 -16.12 -10.92
N LYS A 330 11.49 -17.42 -10.71
CA LYS A 330 10.21 -18.11 -10.86
C LYS A 330 9.19 -17.59 -9.85
N ILE A 331 9.64 -17.31 -8.64
CA ILE A 331 8.79 -16.77 -7.60
C ILE A 331 8.23 -15.41 -7.99
N ASP A 332 9.07 -14.59 -8.61
CA ASP A 332 8.64 -13.29 -9.12
C ASP A 332 7.55 -13.45 -10.17
N TYR A 333 7.74 -14.41 -11.07
CA TYR A 333 6.79 -14.62 -12.16
C TYR A 333 5.41 -15.04 -11.64
N ASP A 334 5.37 -16.11 -10.85
CA ASP A 334 4.12 -16.67 -10.36
C ASP A 334 3.29 -15.69 -9.54
N VAL A 335 3.94 -15.03 -8.59
CA VAL A 335 3.25 -14.10 -7.70
C VAL A 335 2.73 -12.88 -8.44
N LYS A 336 3.60 -12.26 -9.22
CA LYS A 336 3.27 -11.00 -9.91
C LYS A 336 2.30 -11.21 -11.07
N ARG A 337 2.36 -12.37 -11.71
CA ARG A 337 1.39 -12.69 -12.76
C ARG A 337 0.01 -12.84 -12.14
N GLY A 338 -0.06 -13.55 -11.02
CA GLY A 338 -1.31 -13.76 -10.32
C GLY A 338 -1.90 -12.46 -9.79
N VAL A 339 -1.05 -11.55 -9.34
CA VAL A 339 -1.50 -10.25 -8.87
C VAL A 339 -2.18 -9.46 -9.98
N LEU A 340 -1.52 -9.42 -11.15
CA LEU A 340 -2.01 -8.64 -12.27
C LEU A 340 -3.22 -9.29 -12.95
N LEU A 341 -3.13 -10.59 -13.18
CA LEU A 341 -4.18 -11.33 -13.90
C LEU A 341 -5.51 -11.30 -13.15
N ASN A 342 -5.46 -11.61 -11.85
CA ASN A 342 -6.66 -11.63 -11.03
C ASN A 342 -7.20 -10.22 -10.77
N ALA A 343 -6.33 -9.22 -10.91
CA ALA A 343 -6.75 -7.83 -10.79
C ALA A 343 -7.63 -7.43 -11.98
N LEU A 344 -7.23 -7.85 -13.17
CA LEU A 344 -7.97 -7.53 -14.38
C LEU A 344 -9.28 -8.29 -14.46
N LYS A 345 -9.28 -9.52 -13.94
CA LYS A 345 -10.50 -10.33 -13.90
C LYS A 345 -11.54 -9.67 -12.99
N LEU A 346 -11.08 -9.13 -11.87
CA LEU A 346 -11.96 -8.49 -10.91
C LEU A 346 -12.56 -7.20 -11.46
N LEU A 347 -11.79 -6.51 -12.31
CA LEU A 347 -12.30 -5.31 -12.97
C LEU A 347 -13.47 -5.68 -13.89
N ASN A 348 -13.42 -6.89 -14.43
CA ASN A 348 -14.46 -7.43 -15.29
C ASN A 348 -14.78 -6.52 -16.47
N ILE A 349 -13.74 -6.08 -17.19
CA ILE A 349 -13.90 -5.20 -18.33
C ILE A 349 -14.52 -5.95 -19.50
N ARG A 350 -15.84 -6.00 -19.55
CA ARG A 350 -16.55 -6.66 -20.64
C ARG A 350 -17.46 -5.67 -21.35
N THR A 351 -17.26 -5.52 -22.66
CA THR A 351 -18.02 -4.55 -23.44
C THR A 351 -19.32 -5.15 -23.96
N MET A 420 -11.30 -13.69 -9.31
CA MET A 420 -10.82 -13.33 -7.98
C MET A 420 -9.61 -14.19 -7.60
N GLY A 421 -9.85 -15.49 -7.47
CA GLY A 421 -8.78 -16.43 -7.20
C GLY A 421 -8.13 -16.25 -5.84
N ASN A 422 -6.94 -15.67 -5.83
CA ASN A 422 -6.18 -15.52 -4.59
C ASN A 422 -6.40 -14.17 -3.92
N TYR A 423 -7.37 -13.40 -4.43
CA TYR A 423 -7.74 -12.13 -3.81
C TYR A 423 -8.82 -12.33 -2.76
N ARG A 424 -8.75 -11.56 -1.69
CA ARG A 424 -9.77 -11.56 -0.65
C ARG A 424 -10.24 -10.13 -0.39
N ARG A 425 -11.54 -9.91 -0.47
CA ARG A 425 -12.08 -8.58 -0.20
C ARG A 425 -12.00 -8.27 1.29
N ILE A 426 -11.20 -7.25 1.64
CA ILE A 426 -11.03 -6.87 3.03
C ILE A 426 -11.89 -5.67 3.40
N TYR A 427 -12.31 -4.92 2.38
CA TYR A 427 -13.31 -3.87 2.57
C TYR A 427 -14.24 -3.81 1.37
N PRO A 428 -15.56 -3.85 1.61
CA PRO A 428 -16.16 -3.95 2.95
C PRO A 428 -16.11 -5.38 3.52
N PRO A 429 -15.80 -5.51 4.81
CA PRO A 429 -15.69 -6.82 5.47
C PRO A 429 -17.04 -7.50 5.64
N GLU A 430 -17.03 -8.82 5.71
CA GLU A 430 -18.26 -9.58 5.95
C GLU A 430 -18.70 -9.47 7.40
N ASP A 431 -17.77 -9.04 8.25
CA ASP A 431 -18.07 -8.84 9.66
C ASP A 431 -18.74 -7.48 9.88
N LYS A 432 -20.00 -7.53 10.31
CA LYS A 432 -20.79 -6.32 10.51
C LYS A 432 -20.21 -5.43 11.61
N ALA A 433 -19.65 -6.06 12.64
CA ALA A 433 -19.07 -5.32 13.76
C ALA A 433 -17.80 -4.57 13.34
N LEU A 434 -17.03 -5.19 12.44
CA LEU A 434 -15.80 -4.58 11.96
C LEU A 434 -16.09 -3.43 11.01
N LEU A 435 -17.14 -3.59 10.22
CA LEU A 435 -17.56 -2.54 9.30
C LEU A 435 -17.94 -1.28 10.07
N GLU A 436 -18.62 -1.46 11.20
CA GLU A 436 -19.00 -0.35 12.06
C GLU A 436 -17.77 0.38 12.60
N LYS A 437 -16.72 -0.39 12.91
CA LYS A 437 -15.46 0.18 13.38
C LYS A 437 -14.79 0.98 12.26
N TYR A 438 -14.77 0.40 11.06
CA TYR A 438 -14.18 1.05 9.90
C TYR A 438 -14.92 2.34 9.55
N GLU A 439 -16.26 2.27 9.59
CA GLU A 439 -17.08 3.43 9.28
C GLU A 439 -16.86 4.57 10.29
N ASN A 440 -16.64 4.22 11.54
CA ASN A 440 -16.34 5.20 12.57
C ASN A 440 -15.00 5.89 12.29
N LEU A 441 -14.02 5.11 11.85
CA LEU A 441 -12.71 5.66 11.51
C LEU A 441 -12.77 6.54 10.28
N LEU A 442 -13.59 6.14 9.31
CA LEU A 442 -13.81 6.95 8.10
C LEU A 442 -14.40 8.30 8.45
N ALA A 443 -15.33 8.31 9.40
CA ALA A 443 -15.95 9.54 9.87
C ALA A 443 -14.90 10.44 10.52
N VAL A 444 -14.00 9.84 11.27
CA VAL A 444 -12.88 10.57 11.88
C VAL A 444 -11.93 11.08 10.80
N ALA A 445 -11.62 10.21 9.84
CA ALA A 445 -10.68 10.54 8.77
C ALA A 445 -11.14 11.75 7.98
N PHE A 446 -12.40 11.75 7.58
CA PHE A 446 -12.97 12.88 6.84
C PHE A 446 -13.03 14.14 7.69
N GLN A 447 -13.15 13.97 9.00
CA GLN A 447 -13.21 15.10 9.91
C GLN A 447 -11.86 15.80 10.02
N THR A 448 -10.80 15.01 10.19
CA THR A 448 -9.45 15.54 10.28
C THR A 448 -9.03 16.14 8.94
N PHE A 449 -9.52 15.56 7.86
CA PHE A 449 -9.24 16.03 6.50
C PHE A 449 -9.67 17.48 6.32
N LEU A 450 -10.80 17.85 6.92
CA LEU A 450 -11.30 19.22 6.86
C LEU A 450 -10.43 20.19 7.67
N SER A 451 -9.92 19.71 8.79
CA SER A 451 -9.14 20.54 9.70
C SER A 451 -7.85 21.05 9.05
N GLY A 452 -7.21 20.19 8.27
CA GLY A 452 -5.96 20.54 7.62
C GLY A 452 -6.13 21.60 6.56
N ARG A 453 -7.24 21.55 5.83
CA ARG A 453 -7.50 22.49 4.75
C ARG A 453 -7.79 23.88 5.31
#